data_5N58
#
_entry.id   5N58
#
_cell.length_a   54.471
_cell.length_b   81.540
_cell.length_c   95.892
_cell.angle_alpha   90.000
_cell.angle_beta   90.000
_cell.angle_gamma   90.000
#
_symmetry.space_group_name_H-M   'P 21 21 21'
#
loop_
_entity.id
_entity.type
_entity.pdbx_description
1 polymer 'Class B metallo-beta-lactamase'
2 non-polymer 'ZINC ION'
3 non-polymer '(2~{R})-2-[(1-chloranyl-4-oxidanyl-isoquinolin-3-yl)carbonylamino]-3-(1~{H}-indol-3-yl)propanoic acid'
4 non-polymer GLYCEROL
5 water water
#
_entity_poly.entity_id   1
_entity_poly.type   'polypeptide(L)'
_entity_poly.pdbx_seq_one_letter_code
;MLKVISSLLVYMTASVMAVASPLAHSGEPSGEYPTVNEIPVGEVRLYQIADGVWSHIATQSFDGAVYPSNGLIVRDGDEL
LLIDTAWGAKNTAALLAEIEKQIGLPVTRAVSTHFHDDRVGGVDVLRKAGVATYASPSTRRLAEAEGNEIPTHSLEGLSS
SGDAVRFGPVELFYPGAAHSTDNLVVYVPSANVLYGGCAVLALSRTSAGNVADADLAEWPTSVERIQKHYPEAEVVIPGH
GLPGGLDLLQHTANVVTAHKNRSVAE
;
_entity_poly.pdbx_strand_id   A,B
#
loop_
_chem_comp.id
_chem_comp.type
_chem_comp.name
_chem_comp.formula
93W non-polymer '(2~{R})-2-[(1-chloranyl-4-oxidanyl-isoquinolin-3-yl)carbonylamino]-3-(1~{H}-indol-3-yl)propanoic acid' 'C21 H16 Cl N3 O4'
GOL non-polymer GLYCEROL 'C3 H8 O3'
ZN non-polymer 'ZINC ION' 'Zn 2'
#
# COMPACT_ATOMS: atom_id res chain seq x y z
N ILE A 39 0.96 10.22 13.10
CA ILE A 39 1.45 11.59 13.21
C ILE A 39 0.46 12.47 14.01
N PRO A 40 -0.53 13.04 13.32
CA PRO A 40 -1.62 13.72 13.99
C PRO A 40 -2.77 12.78 14.30
N VAL A 41 -3.48 13.09 15.41
CA VAL A 41 -4.53 12.22 15.93
C VAL A 41 -5.81 12.42 15.15
N GLY A 42 -6.57 11.33 14.97
CA GLY A 42 -7.93 11.43 14.50
C GLY A 42 -8.12 11.59 13.01
N GLU A 43 -7.13 11.21 12.21
CA GLU A 43 -7.30 11.22 10.77
C GLU A 43 -7.49 9.80 10.25
N VAL A 44 -8.15 9.69 9.09
CA VAL A 44 -8.56 8.42 8.52
C VAL A 44 -8.33 8.45 7.01
N ARG A 45 -7.68 7.42 6.47
CA ARG A 45 -7.42 7.35 5.03
C ARG A 45 -7.73 5.95 4.51
N LEU A 46 -7.94 5.85 3.19
CA LEU A 46 -8.09 4.55 2.53
C LEU A 46 -7.14 4.48 1.34
N TYR A 47 -6.69 3.28 0.97
CA TYR A 47 -5.91 3.12 -0.26
C TYR A 47 -6.10 1.71 -0.85
N GLN A 48 -5.79 1.59 -2.13
CA GLN A 48 -6.10 0.39 -2.90
C GLN A 48 -5.04 -0.69 -2.73
N ILE A 49 -5.47 -1.91 -2.44
CA ILE A 49 -4.64 -3.12 -2.39
C ILE A 49 -4.79 -3.99 -3.64
N ALA A 50 -6.01 -4.16 -4.13
CA ALA A 50 -6.29 -4.96 -5.32
C ALA A 50 -7.67 -4.58 -5.84
N ASP A 51 -8.12 -5.25 -6.91
CA ASP A 51 -9.46 -5.01 -7.43
C ASP A 51 -10.49 -5.33 -6.35
N GLY A 52 -11.30 -4.34 -5.97
CA GLY A 52 -12.25 -4.58 -4.88
C GLY A 52 -11.68 -4.82 -3.48
N VAL A 53 -10.41 -4.47 -3.22
CA VAL A 53 -9.81 -4.60 -1.88
C VAL A 53 -9.09 -3.30 -1.55
N TRP A 54 -9.46 -2.69 -0.43
CA TRP A 54 -8.79 -1.52 0.13
C TRP A 54 -8.35 -1.78 1.58
N SER A 55 -7.31 -1.07 2.04
CA SER A 55 -7.00 -0.95 3.47
C SER A 55 -7.38 0.43 4.02
N HIS A 56 -8.03 0.46 5.20
CA HIS A 56 -8.25 1.74 5.90
C HIS A 56 -7.23 1.87 7.02
N ILE A 57 -6.77 3.12 7.26
CA ILE A 57 -5.74 3.45 8.25
C ILE A 57 -6.23 4.64 9.06
N ALA A 58 -6.09 4.57 10.40
CA ALA A 58 -6.53 5.63 11.30
C ALA A 58 -5.52 5.83 12.42
N THR A 59 -5.56 7.01 13.06
CA THR A 59 -4.64 7.34 14.14
C THR A 59 -5.44 7.64 15.41
N GLN A 60 -4.87 7.25 16.55
CA GLN A 60 -5.58 7.43 17.81
C GLN A 60 -4.61 7.57 18.97
N SER A 61 -5.12 8.16 20.04
CA SER A 61 -4.37 8.41 21.25
C SER A 61 -4.67 7.32 22.26
N PHE A 62 -3.64 6.84 22.94
CA PHE A 62 -3.81 5.72 23.85
C PHE A 62 -2.70 5.78 24.87
N ASP A 63 -3.10 5.90 26.15
CA ASP A 63 -2.19 5.91 27.29
C ASP A 63 -1.02 6.89 27.13
N GLY A 64 -1.28 8.04 26.52
CA GLY A 64 -0.24 9.04 26.37
C GLY A 64 0.63 8.88 25.14
N ALA A 65 0.14 8.27 24.07
CA ALA A 65 0.89 8.10 22.83
C ALA A 65 -0.07 7.98 21.65
N VAL A 66 0.43 8.28 20.46
CA VAL A 66 -0.38 8.27 19.25
C VAL A 66 0.11 7.13 18.35
N TYR A 67 -0.82 6.36 17.81
CA TYR A 67 -0.50 5.18 16.99
C TYR A 67 -1.39 5.13 15.75
N PRO A 68 -0.86 4.58 14.63
CA PRO A 68 -1.73 4.21 13.50
C PRO A 68 -2.37 2.85 13.72
N SER A 69 -3.43 2.60 12.97
CA SER A 69 -4.05 1.27 13.02
C SER A 69 -4.74 0.96 11.70
N ASN A 70 -4.68 -0.31 11.26
CA ASN A 70 -5.18 -0.73 9.95
C ASN A 70 -6.44 -1.58 10.03
N GLY A 71 -7.24 -1.53 8.97
CA GLY A 71 -8.34 -2.48 8.76
C GLY A 71 -8.54 -2.81 7.28
N LEU A 72 -9.62 -3.51 6.88
CA LEU A 72 -9.80 -3.91 5.49
C LEU A 72 -11.21 -3.58 5.01
N ILE A 73 -11.35 -3.38 3.69
CA ILE A 73 -12.63 -3.22 3.02
C ILE A 73 -12.62 -4.10 1.78
N VAL A 74 -13.65 -4.93 1.62
CA VAL A 74 -13.73 -5.91 0.54
C VAL A 74 -15.08 -5.80 -0.15
N ARG A 75 -15.05 -5.64 -1.47
CA ARG A 75 -16.27 -5.53 -2.26
C ARG A 75 -16.86 -6.91 -2.55
N ASP A 76 -18.18 -7.00 -2.47
CA ASP A 76 -18.96 -8.20 -2.78
C ASP A 76 -20.11 -7.75 -3.65
N GLY A 77 -19.92 -7.83 -4.98
CA GLY A 77 -20.91 -7.32 -5.90
C GLY A 77 -21.04 -5.82 -5.81
N ASP A 78 -22.25 -5.35 -5.50
CA ASP A 78 -22.52 -3.94 -5.27
C ASP A 78 -22.66 -3.58 -3.79
N GLU A 79 -22.02 -4.33 -2.87
CA GLU A 79 -21.99 -4.05 -1.44
C GLU A 79 -20.55 -4.11 -0.91
N LEU A 80 -20.32 -3.55 0.30
CA LEU A 80 -19.00 -3.63 0.93
C LEU A 80 -19.06 -4.42 2.23
N LEU A 81 -18.02 -5.23 2.48
CA LEU A 81 -17.76 -5.87 3.78
C LEU A 81 -16.66 -5.09 4.50
N LEU A 82 -16.88 -4.72 5.77
CA LEU A 82 -15.86 -4.01 6.55
C LEU A 82 -15.21 -4.95 7.56
N ILE A 83 -13.86 -4.97 7.61
CA ILE A 83 -13.10 -5.70 8.63
C ILE A 83 -12.48 -4.68 9.58
N ASP A 84 -13.03 -4.66 10.81
CA ASP A 84 -12.58 -3.91 12.00
C ASP A 84 -12.93 -2.42 11.96
N THR A 85 -13.21 -1.83 13.12
CA THR A 85 -13.49 -0.40 13.21
C THR A 85 -12.21 0.42 12.99
N ALA A 86 -12.36 1.73 12.95
CA ALA A 86 -11.25 2.68 12.87
C ALA A 86 -10.86 3.26 14.24
N TRP A 87 -11.03 2.48 15.30
CA TRP A 87 -10.52 2.80 16.64
C TRP A 87 -11.17 4.07 17.23
N GLY A 88 -12.49 3.98 17.42
CA GLY A 88 -13.32 4.99 18.06
C GLY A 88 -14.55 5.40 17.25
N ALA A 89 -15.55 6.00 17.91
CA ALA A 89 -16.76 6.46 17.24
C ALA A 89 -16.45 7.57 16.23
N LYS A 90 -15.82 8.67 16.67
CA LYS A 90 -15.52 9.75 15.73
C LYS A 90 -14.74 9.24 14.53
N ASN A 91 -13.71 8.39 14.76
CA ASN A 91 -12.92 7.90 13.63
C ASN A 91 -13.77 7.02 12.71
N THR A 92 -14.64 6.20 13.29
CA THR A 92 -15.48 5.30 12.50
C THR A 92 -16.52 6.08 11.67
N ALA A 93 -17.03 7.20 12.22
CA ALA A 93 -17.98 7.97 11.44
C ALA A 93 -17.25 8.63 10.27
N ALA A 94 -16.00 9.04 10.48
CA ALA A 94 -15.27 9.64 9.37
C ALA A 94 -14.98 8.60 8.30
N LEU A 95 -14.73 7.35 8.72
CA LEU A 95 -14.43 6.28 7.76
C LEU A 95 -15.62 6.02 6.84
N LEU A 96 -16.84 5.94 7.41
CA LEU A 96 -18.02 5.81 6.58
C LEU A 96 -18.18 6.97 5.60
N ALA A 97 -17.77 8.18 5.98
CA ALA A 97 -17.89 9.31 5.05
C ALA A 97 -16.82 9.27 3.96
N GLU A 98 -15.60 8.86 4.31
CA GLU A 98 -14.57 8.65 3.30
C GLU A 98 -14.95 7.53 2.34
N ILE A 99 -15.48 6.42 2.86
CA ILE A 99 -15.95 5.33 2.00
C ILE A 99 -17.03 5.82 1.04
N GLU A 100 -17.94 6.68 1.49
CA GLU A 100 -18.99 7.16 0.65
C GLU A 100 -18.48 8.09 -0.44
N LYS A 101 -17.50 8.88 -0.12
CA LYS A 101 -17.01 9.82 -1.12
C LYS A 101 -16.05 9.18 -2.13
N GLN A 102 -15.30 8.15 -1.75
CA GLN A 102 -14.25 7.57 -2.58
C GLN A 102 -14.64 6.25 -3.26
N ILE A 103 -15.56 5.47 -2.70
CA ILE A 103 -16.01 4.22 -3.31
C ILE A 103 -17.47 4.30 -3.71
N GLY A 104 -18.33 4.81 -2.82
CA GLY A 104 -19.73 5.08 -3.14
C GLY A 104 -20.64 3.88 -3.15
N LEU A 105 -20.23 2.78 -2.56
CA LEU A 105 -21.09 1.62 -2.37
C LEU A 105 -21.37 1.46 -0.88
N PRO A 106 -22.47 0.83 -0.50
CA PRO A 106 -22.85 0.74 0.92
C PRO A 106 -22.11 -0.36 1.69
N VAL A 107 -21.69 -0.03 2.90
CA VAL A 107 -21.23 -1.02 3.88
C VAL A 107 -22.46 -1.68 4.49
N THR A 108 -22.62 -3.00 4.26
CA THR A 108 -23.78 -3.73 4.76
C THR A 108 -23.43 -4.66 5.92
N ARG A 109 -22.19 -5.10 6.03
CA ARG A 109 -21.77 -5.99 7.09
C ARG A 109 -20.38 -5.60 7.58
N ALA A 110 -20.08 -5.98 8.85
CA ALA A 110 -18.78 -5.74 9.46
C ALA A 110 -18.42 -6.88 10.41
N VAL A 111 -17.12 -7.21 10.47
CA VAL A 111 -16.57 -8.24 11.33
C VAL A 111 -15.43 -7.65 12.15
N SER A 112 -15.47 -7.85 13.49
CA SER A 112 -14.38 -7.44 14.38
C SER A 112 -13.52 -8.66 14.72
N THR A 113 -12.19 -8.52 14.59
CA THR A 113 -11.33 -9.70 14.70
C THR A 113 -10.78 -9.95 16.11
N HIS A 114 -11.02 -9.06 17.08
CA HIS A 114 -10.90 -9.38 18.52
C HIS A 114 -11.54 -8.24 19.31
N PHE A 115 -11.53 -8.36 20.64
CA PHE A 115 -12.44 -7.60 21.48
C PHE A 115 -11.91 -6.25 21.95
N HIS A 116 -10.67 -5.88 21.63
CA HIS A 116 -10.10 -4.61 22.11
C HIS A 116 -10.71 -3.42 21.37
N ASP A 117 -10.38 -2.23 21.84
CA ASP A 117 -11.07 -1.02 21.41
C ASP A 117 -10.73 -0.62 19.98
N ASP A 118 -9.55 -1.02 19.48
CA ASP A 118 -9.17 -0.68 18.11
C ASP A 118 -9.87 -1.55 17.08
N ARG A 119 -10.64 -2.54 17.54
CA ARG A 119 -11.39 -3.41 16.65
C ARG A 119 -12.90 -3.31 16.82
N VAL A 120 -13.41 -2.98 18.01
CA VAL A 120 -14.85 -2.81 18.25
C VAL A 120 -15.24 -1.37 18.56
N GLY A 121 -14.31 -0.51 18.95
CA GLY A 121 -14.69 0.86 19.22
C GLY A 121 -15.26 1.49 17.98
N GLY A 122 -16.56 1.79 17.96
CA GLY A 122 -17.24 2.29 16.77
C GLY A 122 -18.34 1.39 16.25
N VAL A 123 -18.55 0.23 16.89
CA VAL A 123 -19.63 -0.68 16.50
C VAL A 123 -21.00 0.01 16.65
N ASP A 124 -21.17 0.85 17.67
CA ASP A 124 -22.47 1.49 17.83
C ASP A 124 -22.77 2.48 16.69
N VAL A 125 -21.76 3.23 16.20
CA VAL A 125 -21.92 4.06 15.00
C VAL A 125 -22.30 3.21 13.79
N LEU A 126 -21.60 2.09 13.59
CA LEU A 126 -21.94 1.21 12.47
C LEU A 126 -23.40 0.73 12.56
N ARG A 127 -23.82 0.29 13.75
CA ARG A 127 -25.20 -0.18 13.90
C ARG A 127 -26.20 0.93 13.58
N LYS A 128 -25.95 2.16 14.06
CA LYS A 128 -26.87 3.26 13.79
C LYS A 128 -26.93 3.58 12.31
N ALA A 129 -25.86 3.29 11.57
CA ALA A 129 -25.85 3.49 10.13
C ALA A 129 -26.53 2.34 9.36
N GLY A 130 -27.01 1.32 10.05
CA GLY A 130 -27.69 0.22 9.43
C GLY A 130 -26.79 -0.96 9.08
N VAL A 131 -25.53 -0.93 9.45
CA VAL A 131 -24.61 -2.04 9.21
C VAL A 131 -24.84 -3.18 10.21
N ALA A 132 -24.93 -4.42 9.69
CA ALA A 132 -24.98 -5.63 10.53
C ALA A 132 -23.57 -6.01 11.01
N THR A 133 -23.39 -6.10 12.33
CA THR A 133 -22.09 -6.29 12.95
C THR A 133 -21.96 -7.69 13.53
N TYR A 134 -20.77 -8.28 13.40
CA TYR A 134 -20.49 -9.67 13.74
C TYR A 134 -19.16 -9.83 14.46
N ALA A 135 -19.05 -10.92 15.21
CA ALA A 135 -17.82 -11.33 15.90
C ALA A 135 -18.03 -12.75 16.42
N SER A 136 -16.96 -13.42 16.82
CA SER A 136 -17.17 -14.74 17.39
C SER A 136 -17.87 -14.62 18.73
N PRO A 137 -18.48 -15.70 19.21
CA PRO A 137 -19.11 -15.63 20.54
C PRO A 137 -18.11 -15.28 21.65
N SER A 138 -16.89 -15.82 21.59
CA SER A 138 -15.90 -15.50 22.61
C SER A 138 -15.53 -14.02 22.56
N THR A 139 -15.40 -13.47 21.34
CA THR A 139 -15.08 -12.04 21.20
C THR A 139 -16.18 -11.18 21.82
N ARG A 140 -17.45 -11.55 21.62
CA ARG A 140 -18.56 -10.79 22.17
C ARG A 140 -18.57 -10.86 23.71
N ARG A 141 -18.33 -12.05 24.29
CA ARG A 141 -18.26 -12.16 25.76
C ARG A 141 -17.10 -11.35 26.32
N LEU A 142 -15.93 -11.39 25.67
CA LEU A 142 -14.79 -10.64 26.21
C LEU A 142 -15.01 -9.14 26.09
N ALA A 143 -15.61 -8.68 25.00
CA ALA A 143 -15.89 -7.26 24.90
C ALA A 143 -16.78 -6.81 26.05
N GLU A 144 -17.82 -7.59 26.35
CA GLU A 144 -18.72 -7.22 27.45
C GLU A 144 -17.99 -7.23 28.80
N ALA A 145 -17.15 -8.22 29.04
CA ALA A 145 -16.41 -8.21 30.30
C ALA A 145 -15.57 -6.93 30.45
N GLU A 146 -15.03 -6.43 29.34
CA GLU A 146 -14.09 -5.32 29.31
C GLU A 146 -14.74 -3.95 29.36
N GLY A 147 -16.05 -3.88 29.14
CA GLY A 147 -16.73 -2.59 29.02
C GLY A 147 -16.78 -2.01 27.63
N ASN A 148 -16.47 -2.80 26.59
CA ASN A 148 -16.43 -2.28 25.23
C ASN A 148 -17.76 -2.49 24.50
N GLU A 149 -17.80 -1.96 23.28
CA GLU A 149 -18.96 -2.12 22.42
C GLU A 149 -19.03 -3.56 21.94
N ILE A 150 -20.25 -4.02 21.69
CA ILE A 150 -20.52 -5.43 21.46
C ILE A 150 -21.19 -5.67 20.12
N PRO A 151 -20.51 -6.31 19.14
CA PRO A 151 -21.17 -6.65 17.88
C PRO A 151 -22.42 -7.51 18.10
N THR A 152 -23.43 -7.30 17.25
CA THR A 152 -24.76 -7.87 17.51
C THR A 152 -24.79 -9.37 17.24
N HIS A 153 -24.26 -9.79 16.10
CA HIS A 153 -24.42 -11.17 15.63
C HIS A 153 -23.18 -12.04 15.88
N SER A 154 -23.43 -13.32 16.13
CA SER A 154 -22.38 -14.31 16.43
C SER A 154 -22.02 -15.12 15.19
N LEU A 155 -20.73 -15.16 14.87
CA LEU A 155 -20.21 -16.02 13.82
C LEU A 155 -20.29 -17.49 14.25
N GLU A 156 -20.57 -18.37 13.31
CA GLU A 156 -20.61 -19.80 13.59
C GLU A 156 -19.40 -20.49 12.97
N GLY A 157 -18.94 -21.57 13.63
CA GLY A 157 -17.93 -22.47 13.04
C GLY A 157 -16.49 -22.18 13.40
N LEU A 158 -16.22 -21.18 14.25
CA LEU A 158 -14.86 -20.81 14.64
C LEU A 158 -14.67 -21.15 16.12
N SER A 159 -14.34 -22.41 16.41
CA SER A 159 -14.23 -22.83 17.79
C SER A 159 -12.84 -23.31 18.20
N SER A 160 -12.14 -24.07 17.34
CA SER A 160 -10.84 -24.64 17.67
C SER A 160 -9.77 -24.14 16.71
N SER A 161 -8.54 -24.09 17.20
CA SER A 161 -7.41 -23.67 16.38
C SER A 161 -7.38 -24.45 15.07
N GLY A 162 -7.33 -23.73 13.96
CA GLY A 162 -7.35 -24.32 12.64
C GLY A 162 -8.70 -24.24 11.93
N ASP A 163 -9.78 -23.91 12.63
CA ASP A 163 -11.09 -23.78 11.99
C ASP A 163 -11.11 -22.57 11.03
N ALA A 164 -11.84 -22.71 9.90
CA ALA A 164 -12.01 -21.64 8.91
C ALA A 164 -13.39 -21.70 8.28
N VAL A 165 -13.94 -20.51 7.97
CA VAL A 165 -15.30 -20.39 7.44
C VAL A 165 -15.31 -19.34 6.35
N ARG A 166 -16.15 -19.55 5.35
CA ARG A 166 -16.40 -18.54 4.36
C ARG A 166 -17.40 -17.51 4.89
N PHE A 167 -17.15 -16.23 4.56
CA PHE A 167 -18.02 -15.11 4.92
C PHE A 167 -18.03 -14.13 3.75
N GLY A 168 -19.03 -14.23 2.88
CA GLY A 168 -19.01 -13.51 1.62
C GLY A 168 -17.70 -13.69 0.84
N PRO A 169 -17.00 -12.59 0.53
CA PRO A 169 -15.80 -12.68 -0.33
C PRO A 169 -14.50 -12.99 0.40
N VAL A 170 -14.53 -13.33 1.70
CA VAL A 170 -13.34 -13.63 2.47
C VAL A 170 -13.49 -14.98 3.17
N GLU A 171 -12.37 -15.49 3.66
CA GLU A 171 -12.31 -16.63 4.56
C GLU A 171 -11.83 -16.12 5.91
N LEU A 172 -12.49 -16.58 7.00
CA LEU A 172 -12.10 -16.25 8.38
C LEU A 172 -11.42 -17.47 8.99
N PHE A 173 -10.25 -17.27 9.61
CA PHE A 173 -9.42 -18.31 10.23
C PHE A 173 -9.10 -17.99 11.68
N TYR A 174 -9.28 -18.97 12.58
CA TYR A 174 -8.81 -18.88 13.96
C TYR A 174 -7.47 -19.63 14.10
N PRO A 175 -6.34 -18.94 14.25
CA PRO A 175 -5.02 -19.62 14.29
C PRO A 175 -4.61 -20.19 15.63
N GLY A 176 -5.39 -19.95 16.68
CA GLY A 176 -4.97 -20.17 18.06
C GLY A 176 -4.72 -18.86 18.78
N ALA A 177 -4.42 -18.98 20.08
CA ALA A 177 -4.19 -17.80 20.92
C ALA A 177 -2.89 -17.13 20.51
N ALA A 178 -2.88 -15.79 20.52
CA ALA A 178 -1.67 -15.03 20.17
C ALA A 178 -1.63 -13.70 20.92
N HIS A 179 -1.99 -12.60 20.24
CA HIS A 179 -2.19 -11.31 20.93
C HIS A 179 -3.35 -11.37 21.90
N SER A 180 -4.32 -12.23 21.62
CA SER A 180 -5.39 -12.59 22.55
C SER A 180 -5.85 -13.99 22.18
N THR A 181 -6.68 -14.57 23.05
CA THR A 181 -7.17 -15.94 22.82
C THR A 181 -8.23 -16.01 21.73
N ASP A 182 -8.90 -14.89 21.43
CA ASP A 182 -9.98 -14.84 20.47
C ASP A 182 -9.56 -14.31 19.09
N ASN A 183 -8.32 -13.89 18.90
CA ASN A 183 -8.00 -13.20 17.63
C ASN A 183 -8.24 -14.06 16.38
N LEU A 184 -8.81 -13.44 15.33
CA LEU A 184 -8.96 -14.02 13.98
C LEU A 184 -8.08 -13.35 12.92
N VAL A 185 -7.79 -14.08 11.84
CA VAL A 185 -7.17 -13.48 10.66
C VAL A 185 -8.09 -13.70 9.45
N VAL A 186 -7.86 -12.90 8.42
CA VAL A 186 -8.77 -12.82 7.27
C VAL A 186 -8.01 -12.95 5.97
N TYR A 187 -8.42 -13.89 5.10
CA TYR A 187 -7.84 -14.11 3.77
C TYR A 187 -8.83 -13.74 2.67
N VAL A 188 -8.35 -13.12 1.57
CA VAL A 188 -9.16 -12.71 0.41
C VAL A 188 -8.70 -13.53 -0.80
N PRO A 189 -9.43 -14.61 -1.18
CA PRO A 189 -8.90 -15.50 -2.21
C PRO A 189 -8.74 -14.85 -3.58
N SER A 190 -9.61 -13.90 -3.95
CA SER A 190 -9.51 -13.23 -5.24
C SER A 190 -8.21 -12.45 -5.37
N ALA A 191 -7.66 -11.95 -4.27
CA ALA A 191 -6.49 -11.11 -4.33
C ALA A 191 -5.26 -11.75 -3.70
N ASN A 192 -5.41 -12.91 -3.06
CA ASN A 192 -4.30 -13.58 -2.43
C ASN A 192 -3.67 -12.69 -1.36
N VAL A 193 -4.52 -11.97 -0.62
CA VAL A 193 -4.12 -11.03 0.42
C VAL A 193 -4.51 -11.60 1.78
N LEU A 194 -3.58 -11.54 2.74
CA LEU A 194 -3.78 -11.96 4.12
C LEU A 194 -3.74 -10.76 5.04
N TYR A 195 -4.83 -10.57 5.78
CA TYR A 195 -4.94 -9.56 6.84
C TYR A 195 -4.75 -10.28 8.18
N GLY A 196 -3.62 -10.06 8.81
CA GLY A 196 -3.27 -10.72 10.06
C GLY A 196 -3.81 -10.09 11.33
N GLY A 197 -4.30 -8.86 11.25
CA GLY A 197 -4.70 -8.17 12.48
C GLY A 197 -3.59 -8.08 13.52
N CYS A 198 -3.98 -8.07 14.78
CA CYS A 198 -3.02 -7.82 15.85
C CYS A 198 -2.20 -9.06 16.21
N ALA A 199 -2.47 -10.20 15.59
CA ALA A 199 -1.61 -11.38 15.71
C ALA A 199 -0.34 -11.29 14.86
N VAL A 200 -0.22 -10.30 13.97
CA VAL A 200 0.95 -10.16 13.08
C VAL A 200 1.52 -8.76 13.27
N LEU A 201 2.82 -8.68 13.57
CA LEU A 201 3.55 -7.42 13.77
C LEU A 201 4.24 -6.94 12.49
N ALA A 202 4.26 -5.63 12.28
CA ALA A 202 5.04 -5.04 11.20
C ALA A 202 6.52 -5.33 11.37
N LEU A 203 7.25 -5.23 10.25
CA LEU A 203 8.70 -5.45 10.24
C LEU A 203 9.43 -4.50 11.19
N SER A 204 8.98 -3.26 11.30
CA SER A 204 9.69 -2.27 12.11
C SER A 204 9.44 -2.41 13.62
N ARG A 205 8.56 -3.32 14.05
CA ARG A 205 8.29 -3.47 15.47
C ARG A 205 9.44 -4.18 16.18
N THR A 206 9.77 -3.70 17.39
CA THR A 206 10.68 -4.37 18.31
C THR A 206 10.01 -4.93 19.56
N SER A 207 8.76 -4.56 19.82
CA SER A 207 8.02 -5.05 20.97
C SER A 207 6.65 -5.56 20.55
N ALA A 208 6.17 -6.54 21.30
CA ALA A 208 4.82 -7.05 21.18
C ALA A 208 3.78 -6.14 21.80
N GLY A 209 4.17 -5.11 22.54
CA GLY A 209 3.21 -4.10 22.96
C GLY A 209 2.44 -4.52 24.20
N ASN A 210 1.11 -4.37 24.14
CA ASN A 210 0.23 -4.72 25.25
C ASN A 210 -0.04 -6.22 25.22
N VAL A 211 0.65 -6.96 26.08
CA VAL A 211 0.49 -8.41 26.16
C VAL A 211 -0.38 -8.82 27.35
N ALA A 212 -1.12 -7.87 27.92
CA ALA A 212 -1.95 -8.17 29.09
C ALA A 212 -2.89 -9.35 28.84
N ASP A 213 -3.42 -9.47 27.63
CA ASP A 213 -4.31 -10.56 27.26
C ASP A 213 -3.66 -11.54 26.30
N ALA A 214 -2.35 -11.47 26.13
CA ALA A 214 -1.64 -12.32 25.19
C ALA A 214 -1.36 -13.69 25.81
N ASP A 215 -1.16 -14.67 24.94
CA ASP A 215 -0.62 -15.98 25.30
C ASP A 215 0.70 -16.10 24.54
N LEU A 216 1.78 -15.63 25.18
CA LEU A 216 3.10 -15.64 24.55
C LEU A 216 3.61 -17.04 24.32
N ALA A 217 3.21 -17.99 25.16
CA ALA A 217 3.65 -19.36 24.95
C ALA A 217 3.02 -19.96 23.70
N GLU A 218 1.74 -19.65 23.42
CA GLU A 218 1.10 -20.21 22.23
C GLU A 218 1.39 -19.43 20.94
N TRP A 219 1.74 -18.14 21.04
CA TRP A 219 1.77 -17.26 19.86
C TRP A 219 2.61 -17.82 18.71
N PRO A 220 3.85 -18.28 18.94
CA PRO A 220 4.63 -18.83 17.81
C PRO A 220 3.95 -19.99 17.12
N THR A 221 3.30 -20.87 17.87
CA THR A 221 2.58 -21.99 17.25
C THR A 221 1.44 -21.47 16.40
N SER A 222 0.75 -20.45 16.88
CA SER A 222 -0.36 -19.89 16.11
C SER A 222 0.14 -19.26 14.81
N VAL A 223 1.31 -18.62 14.84
CA VAL A 223 1.87 -18.04 13.62
C VAL A 223 2.25 -19.14 12.63
N GLU A 224 2.76 -20.25 13.13
CA GLU A 224 3.10 -21.36 12.25
C GLU A 224 1.83 -21.90 11.57
N ARG A 225 0.71 -21.94 12.30
CA ARG A 225 -0.52 -22.44 11.71
C ARG A 225 -0.93 -21.59 10.52
N ILE A 226 -0.76 -20.27 10.64
CA ILE A 226 -1.05 -19.36 9.51
C ILE A 226 -0.12 -19.65 8.33
N GLN A 227 1.18 -19.82 8.61
CA GLN A 227 2.17 -20.10 7.57
C GLN A 227 1.77 -21.32 6.74
N LYS A 228 1.29 -22.35 7.42
CA LYS A 228 1.02 -23.63 6.82
C LYS A 228 -0.33 -23.65 6.11
N HIS A 229 -1.23 -22.79 6.53
CA HIS A 229 -2.58 -22.74 5.99
C HIS A 229 -2.65 -21.86 4.75
N TYR A 230 -1.90 -20.75 4.76
CA TYR A 230 -1.81 -19.77 3.66
C TYR A 230 -0.39 -19.64 3.12
N PRO A 231 0.25 -20.72 2.67
CA PRO A 231 1.65 -20.62 2.26
C PRO A 231 1.87 -19.72 1.07
N GLU A 232 0.83 -19.40 0.30
CA GLU A 232 1.00 -18.69 -0.97
C GLU A 232 0.69 -17.21 -0.88
N ALA A 233 0.27 -16.69 0.29
CA ALA A 233 -0.17 -15.31 0.38
C ALA A 233 0.96 -14.35 0.02
N GLU A 234 0.65 -13.32 -0.75
CA GLU A 234 1.72 -12.50 -1.31
C GLU A 234 1.74 -11.10 -0.78
N VAL A 235 0.66 -10.63 -0.14
CA VAL A 235 0.65 -9.43 0.70
C VAL A 235 0.11 -9.81 2.09
N VAL A 236 0.82 -9.40 3.15
CA VAL A 236 0.36 -9.57 4.54
C VAL A 236 0.24 -8.19 5.20
N ILE A 237 -0.94 -7.87 5.71
CA ILE A 237 -1.24 -6.58 6.34
C ILE A 237 -1.28 -6.79 7.87
N PRO A 238 -0.33 -6.22 8.61
CA PRO A 238 -0.41 -6.32 10.08
C PRO A 238 -1.48 -5.41 10.65
N GLY A 239 -1.65 -5.54 11.97
CA GLY A 239 -2.67 -4.75 12.66
C GLY A 239 -2.30 -3.28 12.80
N HIS A 240 -1.00 -2.99 12.80
CA HIS A 240 -0.44 -1.65 12.83
C HIS A 240 0.85 -1.67 12.00
N GLY A 241 1.03 -0.68 11.12
CA GLY A 241 2.26 -0.52 10.36
C GLY A 241 2.14 -0.93 8.88
N LEU A 242 3.30 -0.91 8.20
CA LEU A 242 3.35 -1.07 6.74
C LEU A 242 3.05 -2.52 6.29
N PRO A 243 2.36 -2.71 5.17
CA PRO A 243 2.19 -4.06 4.62
C PRO A 243 3.52 -4.66 4.22
N GLY A 244 3.60 -5.98 4.34
CA GLY A 244 4.77 -6.72 3.94
C GLY A 244 4.43 -8.06 3.30
N GLY A 245 5.39 -8.98 3.27
CA GLY A 245 5.17 -10.32 2.78
C GLY A 245 5.10 -11.34 3.90
N LEU A 246 5.23 -12.62 3.51
CA LEU A 246 5.10 -13.72 4.47
C LEU A 246 6.19 -13.67 5.53
N ASP A 247 7.30 -12.98 5.25
CA ASP A 247 8.36 -12.80 6.23
C ASP A 247 7.88 -12.16 7.51
N LEU A 248 6.77 -11.43 7.47
CA LEU A 248 6.22 -10.82 8.70
C LEU A 248 5.85 -11.88 9.73
N LEU A 249 5.44 -13.08 9.29
CA LEU A 249 5.09 -14.14 10.24
C LEU A 249 6.31 -14.58 11.04
N GLN A 250 7.44 -14.77 10.37
CA GLN A 250 8.64 -15.18 11.08
C GLN A 250 9.19 -14.04 11.93
N HIS A 251 9.15 -12.81 11.43
CA HIS A 251 9.51 -11.66 12.26
C HIS A 251 8.67 -11.62 13.56
N THR A 252 7.36 -11.82 13.44
CA THR A 252 6.48 -11.82 14.60
C THR A 252 6.95 -12.87 15.62
N ALA A 253 7.12 -14.11 15.16
CA ALA A 253 7.65 -15.19 15.98
C ALA A 253 8.92 -14.76 16.71
N ASN A 254 9.89 -14.20 15.97
CA ASN A 254 11.15 -13.74 16.57
C ASN A 254 10.91 -12.70 17.66
N VAL A 255 10.07 -11.70 17.40
CA VAL A 255 9.84 -10.66 18.42
C VAL A 255 9.19 -11.28 19.64
N VAL A 256 8.18 -12.10 19.43
CA VAL A 256 7.41 -12.65 20.54
C VAL A 256 8.26 -13.60 21.37
N THR A 257 9.16 -14.35 20.73
CA THR A 257 10.06 -15.21 21.50
C THR A 257 10.93 -14.38 22.43
N ALA A 258 11.58 -13.35 21.89
CA ALA A 258 12.41 -12.48 22.70
C ALA A 258 11.56 -11.72 23.72
C ILE B 39 8.60 15.62 7.73
N PRO B 40 9.29 14.74 8.45
CA PRO B 40 10.76 14.72 8.49
C PRO B 40 11.37 14.52 7.10
N VAL B 41 12.43 15.25 6.82
CA VAL B 41 13.06 15.23 5.51
C VAL B 41 14.10 14.12 5.48
N GLY B 42 14.28 13.53 4.31
CA GLY B 42 15.38 12.60 4.12
C GLY B 42 15.16 11.18 4.63
N GLU B 43 13.92 10.73 4.75
CA GLU B 43 13.65 9.36 5.18
C GLU B 43 13.14 8.51 4.01
N VAL B 44 13.40 7.21 4.08
CA VAL B 44 13.11 6.26 3.00
C VAL B 44 12.47 5.02 3.61
N ARG B 45 11.40 4.52 2.98
CA ARG B 45 10.74 3.29 3.39
C ARG B 45 10.41 2.44 2.15
N LEU B 46 10.06 1.16 2.39
CA LEU B 46 9.58 0.27 1.34
C LEU B 46 8.41 -0.54 1.87
N TYR B 47 7.52 -0.97 0.99
CA TYR B 47 6.48 -1.89 1.45
C TYR B 47 5.99 -2.73 0.26
N GLN B 48 5.26 -3.80 0.60
CA GLN B 48 4.95 -4.86 -0.38
C GLN B 48 3.67 -4.50 -1.12
N ILE B 49 3.69 -4.62 -2.45
CA ILE B 49 2.51 -4.43 -3.31
C ILE B 49 1.97 -5.77 -3.84
N ALA B 50 2.87 -6.70 -4.19
CA ALA B 50 2.51 -8.00 -4.78
C ALA B 50 3.75 -8.90 -4.73
N ASP B 51 3.57 -10.17 -5.10
CA ASP B 51 4.71 -11.08 -5.29
C ASP B 51 5.77 -10.46 -6.19
N GLY B 52 6.93 -10.13 -5.61
CA GLY B 52 8.05 -9.59 -6.35
C GLY B 52 7.95 -8.12 -6.71
N VAL B 53 7.04 -7.38 -6.10
CA VAL B 53 6.80 -5.97 -6.40
C VAL B 53 6.68 -5.18 -5.11
N TRP B 54 7.45 -4.08 -5.00
CA TRP B 54 7.43 -3.16 -3.85
C TRP B 54 7.37 -1.72 -4.35
N SER B 55 6.88 -0.80 -3.52
CA SER B 55 7.10 0.62 -3.80
C SER B 55 8.04 1.18 -2.74
N HIS B 56 8.86 2.15 -3.15
CA HIS B 56 9.71 2.87 -2.22
C HIS B 56 9.17 4.30 -2.10
N ILE B 57 9.27 4.86 -0.90
CA ILE B 57 8.71 6.16 -0.55
C ILE B 57 9.80 6.96 0.13
N ALA B 58 10.05 8.18 -0.34
CA ALA B 58 11.09 9.03 0.21
C ALA B 58 10.55 10.45 0.39
N THR B 59 11.14 11.19 1.34
CA THR B 59 10.75 12.56 1.61
C THR B 59 11.89 13.52 1.29
N GLN B 60 11.51 14.67 0.74
CA GLN B 60 12.46 15.64 0.23
C GLN B 60 11.78 16.99 0.16
N SER B 61 12.58 18.06 0.24
CA SER B 61 12.01 19.39 0.16
C SER B 61 12.05 19.93 -1.27
N PHE B 62 11.04 20.72 -1.62
CA PHE B 62 11.00 21.48 -2.86
C PHE B 62 10.48 22.87 -2.54
N ASP B 63 11.27 23.88 -2.85
CA ASP B 63 10.87 25.25 -2.54
C ASP B 63 10.55 25.40 -1.04
N GLY B 64 11.12 24.54 -0.18
CA GLY B 64 10.94 24.62 1.25
C GLY B 64 9.85 23.73 1.79
N ALA B 65 8.94 23.29 0.93
CA ALA B 65 7.89 22.34 1.30
C ALA B 65 8.42 20.91 1.23
N VAL B 66 7.97 20.07 2.16
CA VAL B 66 8.38 18.66 2.21
C VAL B 66 7.27 17.80 1.64
N TYR B 67 7.63 16.96 0.66
CA TYR B 67 6.71 16.13 -0.08
C TYR B 67 7.17 14.68 -0.06
N PRO B 68 6.24 13.73 -0.01
CA PRO B 68 6.59 12.31 -0.24
C PRO B 68 6.64 12.03 -1.72
N SER B 69 7.44 11.03 -2.10
CA SER B 69 7.66 10.70 -3.51
C SER B 69 7.78 9.19 -3.65
N ASN B 70 7.09 8.64 -4.64
CA ASN B 70 7.01 7.18 -4.82
C ASN B 70 7.90 6.69 -5.98
N GLY B 71 8.47 5.50 -5.83
CA GLY B 71 9.05 4.79 -6.96
C GLY B 71 8.72 3.31 -6.87
N LEU B 72 9.32 2.44 -7.71
CA LEU B 72 8.99 1.02 -7.74
C LEU B 72 10.24 0.16 -7.71
N ILE B 73 10.07 -1.06 -7.17
CA ILE B 73 11.08 -2.12 -7.17
C ILE B 73 10.42 -3.41 -7.69
N VAL B 74 11.03 -4.08 -8.69
CA VAL B 74 10.46 -5.28 -9.31
C VAL B 74 11.53 -6.36 -9.40
N ARG B 75 11.20 -7.55 -8.91
CA ARG B 75 12.13 -8.64 -8.91
C ARG B 75 12.23 -9.24 -10.31
N ASP B 76 13.46 -9.61 -10.69
CA ASP B 76 13.69 -10.31 -11.96
C ASP B 76 14.71 -11.41 -11.72
N GLY B 77 14.22 -12.63 -11.55
CA GLY B 77 15.08 -13.73 -11.16
C GLY B 77 15.71 -13.48 -9.80
N ASP B 78 17.04 -13.45 -9.80
CA ASP B 78 17.86 -13.24 -8.61
C ASP B 78 18.33 -11.79 -8.48
N GLU B 79 17.72 -10.87 -9.24
CA GLU B 79 18.14 -9.47 -9.31
C GLU B 79 16.91 -8.58 -9.16
N LEU B 80 17.17 -7.28 -9.03
CA LEU B 80 16.11 -6.29 -8.89
C LEU B 80 16.24 -5.19 -9.94
N LEU B 81 15.08 -4.78 -10.47
CA LEU B 81 14.94 -3.61 -11.30
C LEU B 81 14.36 -2.45 -10.50
N LEU B 82 15.06 -1.33 -10.51
CA LEU B 82 14.61 -0.12 -9.82
C LEU B 82 13.95 0.83 -10.81
N ILE B 83 12.77 1.37 -10.44
CA ILE B 83 12.07 2.41 -11.20
C ILE B 83 12.14 3.68 -10.39
N ASP B 84 12.89 4.66 -10.94
CA ASP B 84 13.13 5.98 -10.36
C ASP B 84 14.01 5.99 -9.12
N THR B 85 14.79 7.06 -8.97
CA THR B 85 15.63 7.27 -7.79
C THR B 85 14.78 7.74 -6.61
N ALA B 86 15.43 7.94 -5.46
CA ALA B 86 14.77 8.41 -4.24
C ALA B 86 14.89 9.92 -4.06
N TRP B 87 15.18 10.65 -5.15
CA TRP B 87 15.15 12.11 -5.17
C TRP B 87 16.32 12.68 -4.38
N GLY B 88 17.53 12.50 -4.90
CA GLY B 88 18.75 13.00 -4.33
C GLY B 88 19.80 11.95 -4.03
N ALA B 89 21.04 12.41 -3.93
CA ALA B 89 22.17 11.52 -3.64
C ALA B 89 22.01 10.78 -2.31
N LYS B 90 21.82 11.53 -1.21
CA LYS B 90 21.77 10.89 0.10
C LYS B 90 20.53 10.01 0.24
N ASN B 91 19.35 10.47 -0.25
CA ASN B 91 18.16 9.62 -0.22
C ASN B 91 18.37 8.33 -1.01
N THR B 92 19.11 8.40 -2.11
CA THR B 92 19.29 7.21 -2.94
C THR B 92 20.28 6.22 -2.30
N ALA B 93 21.30 6.72 -1.61
CA ALA B 93 22.22 5.80 -0.93
C ALA B 93 21.49 5.07 0.19
N ALA B 94 20.61 5.78 0.89
CA ALA B 94 19.79 5.16 1.92
C ALA B 94 18.81 4.16 1.32
N LEU B 95 18.29 4.46 0.13
CA LEU B 95 17.41 3.49 -0.54
C LEU B 95 18.14 2.19 -0.80
N LEU B 96 19.34 2.26 -1.37
CA LEU B 96 20.08 1.03 -1.59
C LEU B 96 20.31 0.27 -0.29
N ALA B 97 20.58 0.98 0.82
CA ALA B 97 20.83 0.31 2.11
C ALA B 97 19.56 -0.30 2.69
N GLU B 98 18.40 0.34 2.47
CA GLU B 98 17.16 -0.27 2.91
C GLU B 98 16.83 -1.52 2.08
N ILE B 99 17.04 -1.47 0.77
CA ILE B 99 16.88 -2.65 -0.07
C ILE B 99 17.79 -3.75 0.46
N GLU B 100 19.05 -3.42 0.74
CA GLU B 100 19.99 -4.38 1.30
C GLU B 100 19.39 -5.10 2.50
N LYS B 101 18.85 -4.33 3.45
CA LYS B 101 18.43 -4.89 4.74
C LYS B 101 17.16 -5.69 4.57
N GLN B 102 16.20 -5.15 3.84
CA GLN B 102 14.86 -5.75 3.82
C GLN B 102 14.66 -6.79 2.72
N ILE B 103 15.34 -6.69 1.57
CA ILE B 103 15.11 -7.60 0.44
C ILE B 103 16.29 -8.52 0.21
N GLY B 104 17.48 -7.95 0.11
CA GLY B 104 18.69 -8.74 0.11
C GLY B 104 19.08 -9.33 -1.23
N LEU B 105 18.55 -8.81 -2.32
CA LEU B 105 18.94 -9.11 -3.68
C LEU B 105 19.54 -7.86 -4.33
N PRO B 106 20.43 -8.01 -5.31
CA PRO B 106 21.13 -6.85 -5.87
C PRO B 106 20.32 -6.09 -6.90
N VAL B 107 20.43 -4.77 -6.84
CA VAL B 107 19.89 -3.87 -7.87
C VAL B 107 20.89 -3.81 -9.01
N THR B 108 20.48 -4.23 -10.21
CA THR B 108 21.43 -4.30 -11.35
C THR B 108 21.10 -3.34 -12.47
N ARG B 109 19.83 -2.94 -12.60
CA ARG B 109 19.43 -1.94 -13.57
C ARG B 109 18.46 -0.96 -12.90
N ALA B 110 18.43 0.26 -13.44
CA ALA B 110 17.48 1.27 -13.02
C ALA B 110 16.98 2.08 -14.22
N VAL B 111 15.71 2.46 -14.17
CA VAL B 111 15.02 3.26 -15.19
C VAL B 111 14.55 4.54 -14.52
N SER B 112 14.84 5.68 -15.15
CA SER B 112 14.28 6.96 -14.73
C SER B 112 13.17 7.33 -15.71
N THR B 113 11.99 7.69 -15.20
CA THR B 113 10.83 7.95 -16.06
C THR B 113 10.70 9.40 -16.54
N HIS B 114 11.49 10.35 -16.01
CA HIS B 114 11.57 11.68 -16.64
C HIS B 114 12.76 12.43 -16.02
N PHE B 115 13.04 13.64 -16.54
CA PHE B 115 14.37 14.22 -16.34
C PHE B 115 14.51 15.04 -15.06
N HIS B 116 13.44 15.31 -14.34
CA HIS B 116 13.53 16.16 -13.15
C HIS B 116 14.31 15.46 -12.02
N ASP B 117 14.70 16.27 -11.04
CA ASP B 117 15.63 15.84 -10.01
C ASP B 117 15.07 14.72 -9.14
N ASP B 118 13.75 14.65 -8.97
CA ASP B 118 13.16 13.56 -8.19
C ASP B 118 13.14 12.22 -8.93
N ARG B 119 13.60 12.15 -10.17
CA ARG B 119 13.72 10.86 -10.86
C ARG B 119 15.14 10.53 -11.28
N VAL B 120 16.00 11.54 -11.51
CA VAL B 120 17.41 11.31 -11.85
C VAL B 120 18.36 11.80 -10.77
N GLY B 121 17.90 12.54 -9.77
CA GLY B 121 18.76 12.89 -8.65
C GLY B 121 19.16 11.66 -7.86
N GLY B 122 20.43 11.21 -7.99
CA GLY B 122 20.89 9.94 -7.45
C GLY B 122 21.42 8.96 -8.47
N VAL B 123 21.33 9.28 -9.77
CA VAL B 123 21.92 8.44 -10.81
C VAL B 123 23.43 8.25 -10.59
N ASP B 124 24.13 9.31 -10.16
CA ASP B 124 25.58 9.16 -9.97
C ASP B 124 25.89 8.17 -8.88
N VAL B 125 25.10 8.20 -7.78
CA VAL B 125 25.26 7.21 -6.71
C VAL B 125 25.10 5.79 -7.25
N LEU B 126 24.06 5.57 -8.08
CA LEU B 126 23.80 4.24 -8.64
C LEU B 126 24.96 3.78 -9.52
N ARG B 127 25.50 4.69 -10.34
CA ARG B 127 26.58 4.33 -11.24
C ARG B 127 27.86 3.99 -10.46
N LYS B 128 28.17 4.76 -9.42
CA LYS B 128 29.34 4.46 -8.58
C LYS B 128 29.22 3.07 -7.98
N ALA B 129 28.01 2.66 -7.61
CA ALA B 129 27.73 1.34 -7.04
C ALA B 129 27.72 0.21 -8.06
N GLY B 130 27.81 0.49 -9.35
CA GLY B 130 27.79 -0.54 -10.36
C GLY B 130 26.44 -0.83 -11.00
N VAL B 131 25.40 -0.06 -10.69
CA VAL B 131 24.09 -0.21 -11.30
C VAL B 131 24.08 0.41 -12.69
N ALA B 132 23.57 -0.31 -13.68
CA ALA B 132 23.46 0.27 -15.02
C ALA B 132 22.19 1.14 -15.08
N THR B 133 22.32 2.41 -15.50
CA THR B 133 21.18 3.33 -15.54
C THR B 133 20.65 3.56 -16.96
N TYR B 134 19.31 3.70 -17.08
CA TYR B 134 18.62 3.80 -18.36
C TYR B 134 17.59 4.93 -18.37
N ALA B 135 17.35 5.51 -19.55
CA ALA B 135 16.28 6.48 -19.80
C ALA B 135 16.12 6.66 -21.30
N SER B 136 14.97 7.24 -21.70
CA SER B 136 14.76 7.56 -23.10
C SER B 136 15.80 8.56 -23.59
N PRO B 137 16.05 8.59 -24.91
CA PRO B 137 16.92 9.65 -25.45
C PRO B 137 16.40 11.04 -25.14
N SER B 138 15.08 11.19 -25.16
CA SER B 138 14.48 12.45 -24.75
C SER B 138 14.85 12.80 -23.31
N THR B 139 14.61 11.88 -22.38
CA THR B 139 14.94 12.17 -21.01
C THR B 139 16.42 12.53 -20.86
N ARG B 140 17.30 11.78 -21.53
CA ARG B 140 18.74 12.04 -21.42
C ARG B 140 19.09 13.43 -21.95
N ARG B 141 18.46 13.85 -23.05
CA ARG B 141 18.78 15.15 -23.63
C ARG B 141 18.34 16.29 -22.72
N LEU B 142 17.14 16.16 -22.14
CA LEU B 142 16.62 17.20 -21.25
C LEU B 142 17.48 17.34 -20.01
N ALA B 143 17.89 16.22 -19.42
CA ALA B 143 18.76 16.30 -18.25
C ALA B 143 20.08 16.93 -18.64
N GLU B 144 20.62 16.52 -19.80
CA GLU B 144 21.83 17.14 -20.31
C GLU B 144 21.68 18.65 -20.40
N ALA B 145 20.58 19.13 -20.99
CA ALA B 145 20.43 20.57 -21.14
C ALA B 145 20.15 21.27 -19.81
N GLU B 146 19.65 20.58 -18.79
CA GLU B 146 19.38 21.23 -17.51
C GLU B 146 20.53 21.12 -16.54
N GLY B 147 21.56 20.33 -16.84
CA GLY B 147 22.64 20.11 -15.91
C GLY B 147 22.31 19.15 -14.79
N ASN B 148 21.37 18.24 -15.01
CA ASN B 148 21.12 17.17 -14.06
C ASN B 148 21.98 15.96 -14.42
N GLU B 149 21.99 14.98 -13.52
CA GLU B 149 22.70 13.73 -13.76
C GLU B 149 22.06 12.99 -14.94
N ILE B 150 22.88 12.34 -15.75
CA ILE B 150 22.42 11.73 -17.02
C ILE B 150 22.55 10.23 -16.97
N PRO B 151 21.46 9.45 -17.10
CA PRO B 151 21.62 7.97 -17.16
C PRO B 151 22.47 7.52 -18.35
N THR B 152 23.18 6.40 -18.17
CA THR B 152 24.16 5.94 -19.15
C THR B 152 23.51 5.50 -20.47
N HIS B 153 22.51 4.62 -20.45
CA HIS B 153 22.03 3.95 -21.66
C HIS B 153 20.67 4.46 -22.10
N SER B 154 20.48 4.52 -23.42
CA SER B 154 19.24 4.98 -24.02
C SER B 154 18.22 3.86 -24.15
N LEU B 155 16.97 4.19 -23.91
CA LEU B 155 15.84 3.29 -24.16
C LEU B 155 15.20 3.67 -25.49
N GLU B 156 15.53 2.93 -26.55
CA GLU B 156 14.96 3.21 -27.85
C GLU B 156 13.55 2.67 -28.02
N GLY B 157 12.79 3.32 -28.88
CA GLY B 157 11.49 2.82 -29.29
C GLY B 157 10.34 3.39 -28.51
N LEU B 158 10.54 4.55 -27.85
CA LEU B 158 9.52 5.19 -27.04
C LEU B 158 9.25 6.63 -27.50
N SER B 159 9.62 6.99 -28.72
CA SER B 159 9.56 8.39 -29.13
C SER B 159 8.16 8.87 -29.55
N SER B 160 7.24 7.98 -29.90
CA SER B 160 5.89 8.38 -30.30
C SER B 160 4.83 7.96 -29.28
N SER B 161 3.84 8.84 -29.06
CA SER B 161 2.72 8.54 -28.19
C SER B 161 2.10 7.21 -28.56
N GLY B 162 1.91 6.34 -27.57
CA GLY B 162 1.39 5.01 -27.79
C GLY B 162 2.45 3.92 -27.81
N ASP B 163 3.71 4.27 -27.93
CA ASP B 163 4.77 3.26 -27.99
C ASP B 163 4.92 2.53 -26.67
N ALA B 164 5.23 1.22 -26.74
CA ALA B 164 5.54 0.38 -25.60
C ALA B 164 6.69 -0.55 -25.95
N VAL B 165 7.63 -0.75 -25.01
CA VAL B 165 8.65 -1.79 -25.11
C VAL B 165 8.74 -2.58 -23.81
N ARG B 166 9.07 -3.85 -23.96
CA ARG B 166 9.34 -4.68 -22.79
C ARG B 166 10.77 -4.44 -22.31
N PHE B 167 10.95 -4.44 -20.99
CA PHE B 167 12.27 -4.25 -20.36
C PHE B 167 12.31 -5.13 -19.11
N GLY B 168 13.02 -6.24 -19.18
CA GLY B 168 12.97 -7.22 -18.11
C GLY B 168 11.53 -7.59 -17.78
N PRO B 169 11.15 -7.53 -16.51
CA PRO B 169 9.79 -7.93 -16.09
C PRO B 169 8.71 -6.86 -16.22
N VAL B 170 8.96 -5.69 -16.80
CA VAL B 170 7.96 -4.63 -16.91
C VAL B 170 7.75 -4.26 -18.39
N GLU B 171 6.68 -3.51 -18.64
CA GLU B 171 6.48 -2.86 -19.92
C GLU B 171 6.57 -1.36 -19.72
N LEU B 172 7.41 -0.69 -20.51
CA LEU B 172 7.51 0.78 -20.51
C LEU B 172 6.60 1.35 -21.60
N PHE B 173 5.89 2.44 -21.26
CA PHE B 173 4.89 3.08 -22.13
C PHE B 173 5.05 4.60 -22.11
N TYR B 174 5.07 5.20 -23.31
CA TYR B 174 5.08 6.64 -23.46
C TYR B 174 3.69 7.13 -23.86
N PRO B 175 2.98 7.84 -23.00
CA PRO B 175 1.58 8.22 -23.30
C PRO B 175 1.41 9.55 -24.00
N GLY B 176 2.49 10.30 -24.22
CA GLY B 176 2.41 11.68 -24.66
C GLY B 176 2.85 12.63 -23.56
N ALA B 177 2.93 13.91 -23.92
CA ALA B 177 3.32 14.95 -22.98
C ALA B 177 2.25 15.16 -21.89
N ALA B 178 2.69 15.38 -20.66
CA ALA B 178 1.78 15.66 -19.55
C ALA B 178 2.43 16.56 -18.48
N HIS B 179 2.94 16.00 -17.39
CA HIS B 179 3.76 16.77 -16.46
C HIS B 179 5.02 17.30 -17.17
N SER B 180 5.60 16.48 -18.06
CA SER B 180 6.68 16.92 -18.96
C SER B 180 6.51 16.23 -20.31
N THR B 181 7.25 16.69 -21.32
CA THR B 181 7.16 16.06 -22.63
C THR B 181 7.71 14.63 -22.64
N ASP B 182 8.54 14.24 -21.66
CA ASP B 182 9.23 12.94 -21.72
C ASP B 182 8.67 11.85 -20.81
N ASN B 183 7.65 12.14 -20.00
CA ASN B 183 7.30 11.23 -18.92
C ASN B 183 6.80 9.88 -19.43
N LEU B 184 7.26 8.83 -18.76
CA LEU B 184 6.90 7.45 -19.04
C LEU B 184 6.05 6.88 -17.91
N VAL B 185 5.25 5.85 -18.21
CA VAL B 185 4.62 5.03 -17.19
C VAL B 185 5.13 3.59 -17.33
N VAL B 186 4.93 2.81 -16.25
CA VAL B 186 5.48 1.46 -16.12
C VAL B 186 4.38 0.51 -15.67
N TYR B 187 4.23 -0.61 -16.40
CA TYR B 187 3.25 -1.63 -16.05
C TYR B 187 3.95 -2.94 -15.72
N VAL B 188 3.47 -3.61 -14.68
CA VAL B 188 3.97 -4.93 -14.23
C VAL B 188 2.88 -5.95 -14.60
N PRO B 189 3.01 -6.67 -15.71
CA PRO B 189 1.91 -7.55 -16.10
C PRO B 189 1.62 -8.67 -15.13
N SER B 190 2.63 -9.21 -14.45
CA SER B 190 2.38 -10.36 -13.58
C SER B 190 1.44 -10.00 -12.43
N ALA B 191 1.41 -8.73 -12.07
CA ALA B 191 0.71 -8.27 -10.90
C ALA B 191 -0.45 -7.32 -11.20
N ASN B 192 -0.62 -6.91 -12.47
CA ASN B 192 -1.62 -5.91 -12.87
C ASN B 192 -1.44 -4.61 -12.12
N VAL B 193 -0.18 -4.18 -11.96
CA VAL B 193 0.17 -2.96 -11.23
C VAL B 193 0.68 -1.93 -12.24
N LEU B 194 0.15 -0.72 -12.14
CA LEU B 194 0.53 0.39 -13.00
C LEU B 194 1.18 1.50 -12.18
N TYR B 195 2.43 1.84 -12.50
CA TYR B 195 3.09 2.97 -11.88
C TYR B 195 2.97 4.17 -12.81
N GLY B 196 2.25 5.21 -12.36
CA GLY B 196 1.98 6.38 -13.20
C GLY B 196 2.98 7.50 -13.16
N GLY B 197 3.88 7.52 -12.17
CA GLY B 197 4.85 8.58 -12.15
C GLY B 197 4.17 9.94 -12.03
N CYS B 198 4.88 10.97 -12.46
CA CYS B 198 4.33 12.31 -12.29
C CYS B 198 3.26 12.64 -13.33
N ALA B 199 2.90 11.70 -14.19
CA ALA B 199 1.77 11.91 -15.09
C ALA B 199 0.44 11.57 -14.42
N VAL B 200 0.46 10.99 -13.22
CA VAL B 200 -0.76 10.58 -12.52
C VAL B 200 -0.72 11.14 -11.09
N LEU B 201 -1.78 11.86 -10.71
CA LEU B 201 -1.94 12.51 -9.41
C LEU B 201 -2.76 11.65 -8.45
N ALA B 202 -2.45 11.74 -7.17
CA ALA B 202 -3.22 11.08 -6.12
C ALA B 202 -4.61 11.72 -5.98
N LEU B 203 -5.53 10.94 -5.42
CA LEU B 203 -6.93 11.34 -5.36
C LEU B 203 -7.15 12.59 -4.50
N SER B 204 -6.29 12.81 -3.50
CA SER B 204 -6.41 13.99 -2.64
C SER B 204 -5.76 15.27 -3.20
N ARG B 205 -5.16 15.25 -4.39
CA ARG B 205 -4.55 16.43 -4.96
C ARG B 205 -5.61 17.37 -5.49
N THR B 206 -5.35 18.69 -5.37
CA THR B 206 -6.20 19.75 -5.93
C THR B 206 -5.44 20.67 -6.87
N SER B 207 -4.13 20.55 -6.95
CA SER B 207 -3.27 21.37 -7.77
C SER B 207 -2.41 20.46 -8.62
N ALA B 208 -2.11 20.90 -9.83
CA ALA B 208 -1.21 20.17 -10.73
C ALA B 208 0.25 20.30 -10.35
N GLY B 209 0.57 20.97 -9.24
CA GLY B 209 1.94 21.04 -8.77
C GLY B 209 2.79 21.95 -9.63
N ASN B 210 4.02 21.54 -9.87
CA ASN B 210 4.94 22.35 -10.66
C ASN B 210 4.71 22.07 -12.13
N VAL B 211 4.16 23.05 -12.85
CA VAL B 211 3.70 22.86 -14.22
C VAL B 211 4.59 23.55 -15.24
N ALA B 212 5.77 24.03 -14.82
CA ALA B 212 6.61 24.83 -15.69
C ALA B 212 6.99 24.10 -16.98
N ASP B 213 7.07 22.78 -16.93
CA ASP B 213 7.45 21.96 -18.08
C ASP B 213 6.29 21.14 -18.63
N ALA B 214 5.08 21.36 -18.11
CA ALA B 214 3.91 20.59 -18.49
C ALA B 214 3.21 21.17 -19.71
N ASP B 215 2.48 20.28 -20.40
CA ASP B 215 1.65 20.62 -21.55
C ASP B 215 0.21 20.35 -21.12
N LEU B 216 -0.42 21.34 -20.51
CA LEU B 216 -1.74 21.15 -19.93
C LEU B 216 -2.78 20.80 -20.99
N ALA B 217 -2.54 21.19 -22.23
CA ALA B 217 -3.50 20.87 -23.26
C ALA B 217 -3.37 19.42 -23.69
N GLU B 218 -2.16 18.87 -23.68
CA GLU B 218 -1.98 17.48 -24.11
C GLU B 218 -2.32 16.50 -22.99
N TRP B 219 -2.09 16.90 -21.73
CA TRP B 219 -2.14 15.97 -20.59
C TRP B 219 -3.43 15.17 -20.54
N PRO B 220 -4.62 15.77 -20.65
CA PRO B 220 -5.85 14.94 -20.61
C PRO B 220 -5.87 13.87 -21.70
N THR B 221 -5.34 14.18 -22.90
CA THR B 221 -5.24 13.17 -23.95
C THR B 221 -4.24 12.08 -23.57
N SER B 222 -3.12 12.45 -22.95
CA SER B 222 -2.15 11.42 -22.55
C SER B 222 -2.73 10.51 -21.49
N VAL B 223 -3.50 11.08 -20.53
CA VAL B 223 -4.17 10.25 -19.53
C VAL B 223 -5.11 9.26 -20.21
N GLU B 224 -5.83 9.71 -21.24
CA GLU B 224 -6.72 8.83 -21.99
C GLU B 224 -5.96 7.65 -22.57
N ARG B 225 -4.81 7.90 -23.23
CA ARG B 225 -4.03 6.80 -23.80
C ARG B 225 -3.66 5.76 -22.75
N ILE B 226 -3.25 6.20 -21.55
CA ILE B 226 -2.97 5.25 -20.46
C ILE B 226 -4.22 4.40 -20.19
N GLN B 227 -5.37 5.07 -20.03
CA GLN B 227 -6.61 4.34 -19.73
C GLN B 227 -6.91 3.30 -20.81
N LYS B 228 -6.79 3.68 -22.08
CA LYS B 228 -7.12 2.78 -23.18
C LYS B 228 -6.15 1.61 -23.27
N HIS B 229 -4.90 1.79 -22.86
CA HIS B 229 -3.89 0.74 -22.99
C HIS B 229 -3.85 -0.24 -21.83
N TYR B 230 -4.26 0.16 -20.61
CA TYR B 230 -4.17 -0.70 -19.43
C TYR B 230 -5.52 -0.78 -18.69
N PRO B 231 -6.56 -1.25 -19.37
CA PRO B 231 -7.88 -1.26 -18.74
C PRO B 231 -8.07 -2.34 -17.67
N GLU B 232 -7.12 -3.28 -17.55
CA GLU B 232 -7.14 -4.30 -16.51
C GLU B 232 -6.36 -3.90 -15.25
N ALA B 233 -5.74 -2.73 -15.24
CA ALA B 233 -4.91 -2.38 -14.08
C ALA B 233 -5.75 -2.32 -12.79
N GLU B 234 -5.31 -3.06 -11.76
CA GLU B 234 -6.02 -3.14 -10.47
C GLU B 234 -5.51 -2.14 -9.43
N VAL B 235 -4.25 -1.76 -9.50
CA VAL B 235 -3.63 -0.82 -8.58
C VAL B 235 -2.88 0.20 -9.43
N VAL B 236 -3.04 1.47 -9.07
CA VAL B 236 -2.40 2.59 -9.78
C VAL B 236 -1.67 3.45 -8.76
N ILE B 237 -0.35 3.49 -8.87
CA ILE B 237 0.54 4.18 -7.94
C ILE B 237 0.87 5.54 -8.51
N PRO B 238 0.51 6.65 -7.85
CA PRO B 238 0.83 7.96 -8.39
C PRO B 238 2.29 8.29 -8.12
N GLY B 239 2.78 9.36 -8.75
CA GLY B 239 4.12 9.85 -8.46
C GLY B 239 4.32 10.26 -7.01
N HIS B 240 3.28 10.84 -6.38
CA HIS B 240 3.29 11.29 -5.00
C HIS B 240 1.94 10.91 -4.38
N GLY B 241 1.97 10.35 -3.18
CA GLY B 241 0.74 10.02 -2.45
C GLY B 241 0.30 8.56 -2.50
N LEU B 242 -0.92 8.36 -2.10
CA LEU B 242 -1.42 7.03 -1.79
C LEU B 242 -1.85 6.29 -3.05
N PRO B 243 -1.70 4.98 -3.09
CA PRO B 243 -2.17 4.21 -4.26
C PRO B 243 -3.69 4.20 -4.37
N GLY B 244 -4.17 4.16 -5.62
CA GLY B 244 -5.59 4.04 -5.93
C GLY B 244 -5.89 3.08 -7.06
N GLY B 245 -7.05 3.25 -7.69
CA GLY B 245 -7.43 2.52 -8.87
C GLY B 245 -7.42 3.37 -10.14
N LEU B 246 -8.06 2.83 -11.20
CA LEU B 246 -8.11 3.57 -12.45
C LEU B 246 -8.82 4.92 -12.28
N ASP B 247 -9.56 5.09 -11.18
CA ASP B 247 -10.20 6.37 -10.89
C ASP B 247 -9.19 7.53 -10.82
N LEU B 248 -7.93 7.27 -10.45
CA LEU B 248 -6.95 8.35 -10.46
C LEU B 248 -6.73 8.99 -11.83
N LEU B 249 -7.10 8.32 -12.94
CA LEU B 249 -6.83 8.92 -14.25
C LEU B 249 -7.84 10.01 -14.57
N GLN B 250 -9.12 9.77 -14.29
CA GLN B 250 -10.12 10.80 -14.51
C GLN B 250 -9.93 11.96 -13.56
N HIS B 251 -9.61 11.66 -12.30
CA HIS B 251 -9.34 12.74 -11.35
C HIS B 251 -8.19 13.59 -11.85
N THR B 252 -7.16 12.96 -12.42
CA THR B 252 -6.03 13.72 -12.95
C THR B 252 -6.47 14.65 -14.07
N ALA B 253 -7.23 14.12 -15.05
CA ALA B 253 -7.73 14.97 -16.13
C ALA B 253 -8.56 16.13 -15.58
N ASN B 254 -9.27 15.92 -14.48
CA ASN B 254 -10.10 16.97 -13.90
C ASN B 254 -9.27 18.10 -13.30
N VAL B 255 -8.25 17.75 -12.48
CA VAL B 255 -7.39 18.78 -11.89
C VAL B 255 -6.67 19.56 -12.98
N VAL B 256 -6.15 18.86 -13.98
CA VAL B 256 -5.40 19.52 -15.04
C VAL B 256 -6.31 20.40 -15.89
N THR B 257 -7.59 20.03 -16.03
CA THR B 257 -8.55 20.91 -16.72
C THR B 257 -8.88 22.14 -15.89
N ALA B 258 -9.02 21.99 -14.58
CA ALA B 258 -9.41 23.10 -13.72
C ALA B 258 -8.32 24.16 -13.61
N HIS B 259 -7.10 23.81 -14.02
ZN ZN C . -5.64 -5.93 20.91
C24 93W D . 7.79 0.35 15.66
C19 93W D . 7.43 1.33 18.02
C20 93W D . 6.98 0.93 16.61
C21 93W D . 5.72 1.07 16.01
C16 93W D . 7.99 -0.97 18.78
O11 93W D . 3.44 -0.44 22.68
C12 93W D . 5.00 -0.22 20.32
C10 93W D . 2.76 -0.32 21.47
C01 93W D . -1.42 -0.23 21.24
C02 93W D . -0.82 -0.37 22.49
C03 93W D . 0.56 -0.40 22.59
C04 93W D . 1.36 -0.29 21.43
C05 93W D . 0.76 -0.16 20.20
C06 93W D . -0.64 -0.13 20.10
C07 93W D . 1.57 -0.07 19.06
N08 93W D . 2.88 -0.08 19.14
C09 93W D . 3.48 -0.23 20.30
O13 93W D . 5.55 -0.49 21.33
N14 93W D . 5.72 0.15 19.12
C15 93W D . 7.18 0.27 19.09
O17 93W D . 7.45 -2.08 18.56
O18 93W D . 9.26 -0.84 18.75
C22 93W D . 5.84 0.57 14.73
N23 93W D . 7.09 0.15 14.55
C25 93W D . 4.74 0.56 13.85
C26 93W D . 3.52 1.06 14.26
C27 93W D . 3.38 1.57 15.55
C28 93W D . 4.47 1.57 16.41
CL1 93W D . 0.85 0.11 17.44
C1 GOL E . -12.88 -19.03 20.10
O1 GOL E . -12.50 -20.32 19.84
C2 GOL E . -12.88 -18.33 18.76
O2 GOL E . -14.22 -18.33 18.32
C3 GOL E . -12.22 -16.96 18.94
O3 GOL E . -12.79 -15.89 18.21
C1 GOL F . -27.26 -13.72 20.05
O1 GOL F . -26.53 -12.93 20.94
C2 GOL F . -26.74 -13.37 18.67
O2 GOL F . -25.41 -12.91 18.86
C3 GOL F . -26.74 -14.64 17.82
O3 GOL F . -26.15 -14.41 16.55
ZN ZN G . -4.05 -3.53 17.84
ZN ZN H . 8.86 16.41 -12.69
C24 93W I . -2.77 17.01 -1.56
C19 93W I . -1.32 19.17 -1.31
C20 93W I . -1.55 17.66 -1.49
C21 93W I . -0.57 16.65 -1.58
C16 93W I . -2.49 19.63 -3.48
O11 93W I . 2.58 21.84 -5.62
C12 93W I . 0.71 20.31 -4.15
C10 93W I . 2.92 20.51 -5.33
C01 93W I . 6.54 18.83 -6.59
C02 93W I . 6.27 20.16 -6.89
C03 93W I . 5.07 20.74 -6.49
C04 93W I . 4.14 19.98 -5.78
C05 93W I . 4.41 18.66 -5.47
C06 93W I . 5.62 18.09 -5.88
C07 93W I . 3.46 17.90 -4.74
N08 93W I . 2.32 18.45 -4.36
C09 93W I . 2.02 19.72 -4.64
O13 93W I . 0.32 21.38 -4.48
N14 93W I . -0.03 19.51 -3.22
C15 93W I . -1.28 19.94 -2.63
O17 93W I . -2.35 19.04 -4.61
O18 93W I . -3.62 19.98 -3.02
C22 93W I . -1.24 15.46 -1.69
N23 93W I . -2.57 15.70 -1.69
C25 93W I . -0.53 14.26 -1.82
C26 93W I . 0.86 14.27 -1.82
C27 93W I . 1.54 15.47 -1.68
C28 93W I . 0.83 16.65 -1.57
CL1 93W I . 3.79 16.19 -4.34
#